data_7KXQ
#
_entry.id   7KXQ
#
_cell.length_a   72.514
_cell.length_b   103.045
_cell.length_c   38.453
_cell.angle_alpha   90.000
_cell.angle_beta   90.000
_cell.angle_gamma   90.000
#
_symmetry.space_group_name_H-M   'P 21 21 2'
#
loop_
_entity.id
_entity.type
_entity.pdbx_description
1 polymer 'Isoform BTK-C of Tyrosine-protein kinase BTK'
2 non-polymer 'DIMETHYL SULFOXIDE'
3 non-polymer 3-tert-butyl-N-[(5R)-2-{2-[3,5-dimethyl-1-(propan-2-yl)-1H-pyrazol-4-yl]-3H-imidazo[4,5-b]pyridin-7-yl}-6,7,8,9-tetrahydro-5H-benzo[7]annulen-5-yl]-1,2,4-oxadiazole-5-carboxamide
4 water water
#
_entity_poly.entity_id   1
_entity_poly.type   'polypeptide(L)'
_entity_poly.pdbx_seq_one_letter_code
;LGYGSWEIDPKDLTFLKELGTGQFGVVKYGKWRGQYDVAIKMIKEGSMSEDEFIEEAKVMMNLSHEKLVQLYGVCTKQRP
IFIITEYMANGCLLNYLREMRHRFQTQQLLEMCKDVCEAMEYLESKQFLHRDLAARNCLVNDQGVVKVSDFGLSRYVLDD
EYTSSVGSKFPVRWSPPEVLMYSKFSSKSDIWAFGVLMWEIYSLGKMPYERFTNSETAEHIAQGLRLYRPHLASEKVYTI
MYSCWHEKADERPTFKILLSNILDVMDEES
;
_entity_poly.pdbx_strand_id   A
#
loop_
_chem_comp.id
_chem_comp.type
_chem_comp.name
_chem_comp.formula
DMS non-polymer 'DIMETHYL SULFOXIDE' 'C2 H6 O S'
X9Y non-polymer 3-tert-butyl-N-[(5R)-2-{2-[3,5-dimethyl-1-(propan-2-yl)-1H-pyrazol-4-yl]-3H-imidazo[4,5-b]pyridin-7-yl}-6,7,8,9-tetrahydro-5H-benzo[7]annulen-5-yl]-1,2,4-oxadiazole-5-carboxamide 'C32 H38 N8 O2'
#
# COMPACT_ATOMS: atom_id res chain seq x y z
N LEU A 1 -16.82 28.67 -9.65
CA LEU A 1 -15.99 29.25 -10.74
C LEU A 1 -14.50 28.99 -10.47
N GLY A 2 -13.80 28.48 -11.48
CA GLY A 2 -12.36 28.27 -11.38
C GLY A 2 -11.96 26.98 -10.68
N TYR A 3 -12.85 25.99 -10.70
CA TYR A 3 -12.52 24.67 -10.18
C TYR A 3 -13.18 23.58 -11.03
N GLY A 4 -12.36 22.65 -11.51
CA GLY A 4 -12.86 21.45 -12.17
C GLY A 4 -13.32 20.42 -11.14
N SER A 5 -13.86 19.30 -11.61
CA SER A 5 -14.40 18.29 -10.69
C SER A 5 -13.29 17.75 -9.79
N TRP A 6 -12.05 17.82 -10.26
CA TRP A 6 -10.93 17.32 -9.47
C TRP A 6 -10.51 18.34 -8.42
N GLU A 7 -10.89 19.60 -8.63
CA GLU A 7 -10.32 20.72 -7.88
C GLU A 7 -11.10 21.09 -6.60
N ILE A 8 -10.41 21.10 -5.47
CA ILE A 8 -11.01 21.50 -4.20
C ILE A 8 -10.51 22.90 -3.84
N ASP A 9 -11.39 23.73 -3.30
CA ASP A 9 -11.00 25.07 -2.88
C ASP A 9 -10.29 24.94 -1.53
N PRO A 10 -8.99 25.29 -1.48
CA PRO A 10 -8.27 25.11 -0.21
C PRO A 10 -8.86 25.96 0.92
N LYS A 11 -9.61 26.99 0.58
CA LYS A 11 -10.24 27.82 1.62
C LYS A 11 -11.31 27.03 2.36
N ASP A 12 -11.72 25.90 1.79
CA ASP A 12 -12.72 25.05 2.45
C ASP A 12 -12.09 24.11 3.47
N LEU A 13 -10.78 24.16 3.63
CA LEU A 13 -10.08 23.27 4.54
C LEU A 13 -9.83 23.93 5.88
N THR A 14 -10.03 23.14 6.95
CA THR A 14 -9.61 23.53 8.30
C THR A 14 -8.54 22.52 8.73
N PHE A 15 -7.35 23.01 9.06
CA PHE A 15 -6.26 22.13 9.43
C PHE A 15 -6.30 21.87 10.93
N LEU A 16 -6.26 20.62 11.35
CA LEU A 16 -6.42 20.27 12.76
C LEU A 16 -5.20 19.59 13.41
N LYS A 17 -4.55 18.67 12.71
CA LYS A 17 -3.46 17.91 13.31
CA LYS A 17 -3.45 17.92 13.30
C LYS A 17 -2.46 17.42 12.26
N GLU A 18 -1.19 17.40 12.62
CA GLU A 18 -0.18 16.85 11.73
C GLU A 18 -0.11 15.33 11.91
N LEU A 19 -0.13 14.60 10.80
CA LEU A 19 -0.15 13.15 10.84
C LEU A 19 1.23 12.55 10.62
N GLY A 20 2.09 13.27 9.92
CA GLY A 20 3.44 12.79 9.69
C GLY A 20 3.98 13.33 8.39
N THR A 21 5.16 12.83 8.02
CA THR A 21 5.88 13.32 6.86
C THR A 21 6.34 12.11 6.06
N GLY A 22 5.90 12.05 4.80
CA GLY A 22 6.28 10.97 3.92
C GLY A 22 7.07 11.46 2.73
N GLN A 23 7.00 10.69 1.65
CA GLN A 23 7.81 10.93 0.48
C GLN A 23 7.51 12.28 -0.16
N PHE A 24 6.31 12.81 0.02
CA PHE A 24 5.94 14.09 -0.56
C PHE A 24 5.83 15.18 0.49
N GLY A 25 6.35 14.95 1.69
CA GLY A 25 6.26 15.95 2.74
C GLY A 25 5.15 15.69 3.75
N VAL A 26 4.67 16.77 4.36
CA VAL A 26 3.77 16.69 5.50
C VAL A 26 2.36 16.32 5.08
N VAL A 27 1.69 15.53 5.91
CA VAL A 27 0.30 15.20 5.73
C VAL A 27 -0.44 15.58 7.00
N LYS A 28 -1.56 16.26 6.83
CA LYS A 28 -2.36 16.73 7.96
C LYS A 28 -3.75 16.16 7.96
N TYR A 29 -4.35 16.12 9.15
CA TYR A 29 -5.77 15.87 9.30
C TYR A 29 -6.48 17.20 9.35
N GLY A 30 -7.62 17.26 8.70
CA GLY A 30 -8.48 18.43 8.79
C GLY A 30 -9.90 18.13 8.39
N LYS A 31 -10.68 19.21 8.26
CA LYS A 31 -12.07 19.13 7.84
C LYS A 31 -12.24 19.87 6.52
N TRP A 32 -13.21 19.41 5.74
CA TRP A 32 -13.64 20.09 4.55
C TRP A 32 -15.03 20.63 4.79
N ARG A 33 -15.19 21.94 4.55
CA ARG A 33 -16.42 22.67 4.80
C ARG A 33 -16.97 22.39 6.18
N GLY A 34 -16.06 22.39 7.15
CA GLY A 34 -16.42 22.37 8.56
C GLY A 34 -16.82 21.02 9.12
N GLN A 35 -17.12 20.04 8.27
CA GLN A 35 -17.75 18.82 8.79
C GLN A 35 -17.30 17.48 8.22
N TYR A 36 -16.50 17.46 7.17
CA TYR A 36 -16.09 16.18 6.60
C TYR A 36 -14.61 15.94 6.87
N ASP A 37 -14.28 14.84 7.53
CA ASP A 37 -12.87 14.52 7.79
C ASP A 37 -12.14 14.29 6.48
N VAL A 38 -10.93 14.84 6.38
CA VAL A 38 -10.05 14.59 5.25
C VAL A 38 -8.62 14.52 5.74
N ALA A 39 -7.77 13.89 4.94
CA ALA A 39 -6.33 14.04 5.09
C ALA A 39 -5.84 14.93 3.95
N ILE A 40 -4.82 15.73 4.25
CA ILE A 40 -4.31 16.71 3.31
C ILE A 40 -2.82 16.52 3.15
N LYS A 41 -2.40 16.05 1.99
CA LYS A 41 -0.98 15.99 1.67
C LYS A 41 -0.56 17.36 1.16
N MET A 42 0.42 17.96 1.82
CA MET A 42 1.00 19.21 1.38
C MET A 42 2.28 18.87 0.62
N ILE A 43 2.20 18.93 -0.72
CA ILE A 43 3.22 18.32 -1.55
C ILE A 43 4.44 19.22 -1.61
N LYS A 44 5.53 18.76 -1.02
CA LYS A 44 6.71 19.59 -0.92
CA LYS A 44 6.79 19.49 -0.91
C LYS A 44 7.30 19.86 -2.30
N GLU A 45 7.71 21.11 -2.46
CA GLU A 45 8.26 21.57 -3.72
C GLU A 45 9.41 20.67 -4.16
N GLY A 46 9.37 20.25 -5.42
CA GLY A 46 10.45 19.44 -5.97
C GLY A 46 10.28 17.95 -5.77
N SER A 47 9.29 17.54 -4.97
CA SER A 47 9.18 16.14 -4.61
C SER A 47 8.33 15.32 -5.57
N MET A 48 7.53 16.01 -6.40
CA MET A 48 6.52 15.34 -7.23
C MET A 48 6.52 15.88 -8.64
N SER A 49 6.28 15.00 -9.61
CA SER A 49 6.05 15.40 -10.99
C SER A 49 4.59 15.83 -11.08
N GLU A 50 4.35 17.11 -10.81
CA GLU A 50 3.02 17.57 -10.44
C GLU A 50 2.04 17.60 -11.61
N ASP A 51 2.50 18.05 -12.77
CA ASP A 51 1.60 18.12 -13.91
C ASP A 51 1.13 16.70 -14.29
N GLU A 52 2.06 15.75 -14.30
CA GLU A 52 1.67 14.39 -14.62
C GLU A 52 0.71 13.86 -13.58
N PHE A 53 0.96 14.15 -12.31
CA PHE A 53 0.06 13.66 -11.29
C PHE A 53 -1.33 14.27 -11.46
N ILE A 54 -1.38 15.55 -11.78
CA ILE A 54 -2.66 16.24 -11.87
C ILE A 54 -3.52 15.61 -12.96
N GLU A 55 -2.90 15.27 -14.09
CA GLU A 55 -3.62 14.58 -15.15
C GLU A 55 -4.09 13.19 -14.67
N GLU A 56 -3.25 12.49 -13.92
CA GLU A 56 -3.59 11.17 -13.42
C GLU A 56 -4.66 11.22 -12.34
N ALA A 57 -4.72 12.33 -11.61
CA ALA A 57 -5.67 12.46 -10.51
C ALA A 57 -7.10 12.28 -11.01
N LYS A 58 -7.33 12.68 -12.26
CA LYS A 58 -8.64 12.53 -12.89
C LYS A 58 -9.05 11.06 -13.02
N VAL A 59 -8.09 10.21 -13.36
CA VAL A 59 -8.27 8.75 -13.37
C VAL A 59 -8.45 8.19 -11.96
N MET A 60 -7.62 8.63 -11.04
CA MET A 60 -7.63 8.10 -9.68
CA MET A 60 -7.65 8.10 -9.68
C MET A 60 -8.95 8.38 -8.98
N MET A 61 -9.54 9.53 -9.27
CA MET A 61 -10.82 9.97 -8.68
CA MET A 61 -10.74 9.88 -8.56
C MET A 61 -11.89 8.91 -8.88
N ASN A 62 -11.79 8.24 -10.01
CA ASN A 62 -12.81 7.26 -10.43
C ASN A 62 -12.54 5.86 -9.86
N LEU A 63 -11.38 5.65 -9.27
CA LEU A 63 -11.11 4.41 -8.55
C LEU A 63 -11.81 4.42 -7.21
N SER A 64 -12.97 3.77 -7.16
CA SER A 64 -13.82 3.82 -6.00
C SER A 64 -14.09 2.40 -5.53
N HIS A 65 -13.61 2.10 -4.35
CA HIS A 65 -13.85 0.83 -3.73
C HIS A 65 -13.74 1.05 -2.23
N GLU A 66 -14.55 0.33 -1.47
CA GLU A 66 -14.62 0.58 -0.03
CA GLU A 66 -14.65 0.51 -0.02
C GLU A 66 -13.30 0.32 0.68
N LYS A 67 -12.43 -0.49 0.09
CA LYS A 67 -11.17 -0.84 0.73
C LYS A 67 -9.99 -0.10 0.12
N LEU A 68 -10.29 0.92 -0.68
CA LEU A 68 -9.31 1.82 -1.24
C LEU A 68 -9.47 3.19 -0.60
N VAL A 69 -8.38 3.75 -0.07
CA VAL A 69 -8.43 5.11 0.45
C VAL A 69 -8.75 6.07 -0.69
N GLN A 70 -9.88 6.75 -0.58
CA GLN A 70 -10.43 7.55 -1.68
CA GLN A 70 -10.38 7.53 -1.70
C GLN A 70 -9.64 8.85 -1.87
N LEU A 71 -9.38 9.20 -3.12
CA LEU A 71 -8.89 10.53 -3.48
C LEU A 71 -10.10 11.43 -3.66
N TYR A 72 -10.19 12.49 -2.87
CA TYR A 72 -11.33 13.40 -2.97
C TYR A 72 -11.10 14.51 -3.99
N GLY A 73 -9.85 14.93 -4.13
CA GLY A 73 -9.53 16.01 -5.05
C GLY A 73 -8.18 16.61 -4.77
N VAL A 74 -7.86 17.66 -5.53
CA VAL A 74 -6.57 18.29 -5.43
C VAL A 74 -6.77 19.80 -5.32
N CYS A 75 -5.77 20.48 -4.76
CA CYS A 75 -5.73 21.93 -4.76
C CYS A 75 -4.47 22.35 -5.51
N THR A 76 -4.63 22.87 -6.72
CA THR A 76 -3.50 23.03 -7.62
C THR A 76 -3.16 24.46 -7.97
N LYS A 77 -3.93 25.42 -7.49
CA LYS A 77 -3.69 26.81 -7.87
C LYS A 77 -2.48 27.35 -7.13
N GLN A 78 -2.15 26.74 -6.00
CA GLN A 78 -1.20 27.29 -5.05
C GLN A 78 -0.01 26.35 -4.88
N ARG A 79 1.14 26.91 -4.50
CA ARG A 79 2.30 26.10 -4.11
C ARG A 79 2.51 26.23 -2.60
N PRO A 80 2.61 25.11 -1.87
CA PRO A 80 2.54 23.76 -2.43
C PRO A 80 1.14 23.34 -2.80
N ILE A 81 1.02 22.41 -3.74
CA ILE A 81 -0.28 21.82 -4.05
C ILE A 81 -0.71 20.86 -2.95
N PHE A 82 -2.01 20.65 -2.84
CA PHE A 82 -2.52 19.71 -1.86
C PHE A 82 -3.17 18.54 -2.56
N ILE A 83 -3.08 17.37 -1.93
CA ILE A 83 -3.90 16.23 -2.32
C ILE A 83 -4.82 15.88 -1.16
N ILE A 84 -6.12 15.81 -1.44
CA ILE A 84 -7.11 15.66 -0.39
C ILE A 84 -7.67 14.24 -0.46
N THR A 85 -7.56 13.50 0.62
CA THR A 85 -7.97 12.11 0.63
C THR A 85 -8.84 11.78 1.84
N GLU A 86 -9.42 10.60 1.77
CA GLU A 86 -10.09 9.99 2.89
C GLU A 86 -9.17 9.94 4.10
N TYR A 87 -9.75 10.19 5.26
CA TYR A 87 -9.05 10.18 6.53
C TYR A 87 -9.28 8.86 7.25
N MET A 88 -8.23 8.36 7.88
CA MET A 88 -8.25 7.03 8.49
C MET A 88 -7.76 7.15 9.93
N ALA A 89 -8.69 7.05 10.88
CA ALA A 89 -8.41 7.47 12.26
C ALA A 89 -7.40 6.61 13.00
N ASN A 90 -7.22 5.37 12.58
CA ASN A 90 -6.31 4.48 13.29
C ASN A 90 -4.95 4.37 12.61
N GLY A 91 -4.75 5.19 11.59
CA GLY A 91 -3.41 5.45 11.10
C GLY A 91 -2.87 4.34 10.24
N CYS A 92 -1.56 4.27 10.17
CA CYS A 92 -0.98 3.33 9.23
CA CYS A 92 -0.82 3.38 9.33
C CYS A 92 -0.93 1.92 9.77
N LEU A 93 -1.17 0.98 8.87
CA LEU A 93 -1.28 -0.41 9.26
C LEU A 93 -0.02 -0.90 9.94
N LEU A 94 1.15 -0.49 9.47
CA LEU A 94 2.37 -0.95 10.08
C LEU A 94 2.45 -0.60 11.56
N ASN A 95 2.13 0.64 11.90
CA ASN A 95 2.16 1.05 13.31
C ASN A 95 1.10 0.33 14.11
N TYR A 96 -0.06 0.17 13.50
CA TYR A 96 -1.20 -0.51 14.13
C TYR A 96 -0.81 -1.95 14.48
N LEU A 97 -0.18 -2.65 13.55
CA LEU A 97 0.26 -4.02 13.79
C LEU A 97 1.27 -4.11 14.93
N ARG A 98 2.12 -3.09 15.03
CA ARG A 98 3.21 -3.11 15.99
C ARG A 98 2.76 -2.77 17.40
N GLU A 99 1.54 -2.26 17.55
CA GLU A 99 0.98 -2.00 18.87
CA GLU A 99 0.98 -2.01 18.86
C GLU A 99 0.48 -3.32 19.46
N MET A 100 1.30 -3.93 20.29
CA MET A 100 1.02 -5.26 20.81
C MET A 100 -0.27 -5.30 21.63
N ARG A 101 -0.68 -4.17 22.20
CA ARG A 101 -1.86 -4.14 23.06
C ARG A 101 -3.11 -4.68 22.35
N HIS A 102 -3.18 -4.55 21.03
CA HIS A 102 -4.35 -5.02 20.30
C HIS A 102 -4.59 -6.52 20.47
N ARG A 103 -3.49 -7.27 20.60
CA ARG A 103 -3.52 -8.72 20.73
C ARG A 103 -4.55 -9.33 19.80
N PHE A 104 -4.30 -9.15 18.50
CA PHE A 104 -5.19 -9.57 17.45
C PHE A 104 -5.39 -11.06 17.46
N GLN A 105 -6.61 -11.48 17.19
CA GLN A 105 -6.89 -12.88 16.91
CA GLN A 105 -6.91 -12.87 16.91
C GLN A 105 -6.56 -13.19 15.47
N THR A 106 -6.23 -14.43 15.21
CA THR A 106 -5.84 -14.78 13.87
C THR A 106 -6.94 -14.53 12.83
N GLN A 107 -8.21 -14.59 13.22
CA GLN A 107 -9.30 -14.23 12.31
C GLN A 107 -9.28 -12.75 11.91
N GLN A 108 -8.90 -11.89 12.85
CA GLN A 108 -8.73 -10.48 12.55
C GLN A 108 -7.58 -10.24 11.59
N LEU A 109 -6.48 -10.97 11.76
CA LEU A 109 -5.35 -10.81 10.86
C LEU A 109 -5.75 -11.25 9.47
N LEU A 110 -6.52 -12.33 9.36
CA LEU A 110 -6.92 -12.77 8.03
C LEU A 110 -7.89 -11.78 7.37
N GLU A 111 -8.75 -11.17 8.17
CA GLU A 111 -9.65 -10.12 7.68
C GLU A 111 -8.89 -8.91 7.16
N MET A 112 -7.78 -8.55 7.80
CA MET A 112 -6.95 -7.47 7.29
C MET A 112 -6.42 -7.84 5.92
N CYS A 113 -5.95 -9.07 5.77
CA CYS A 113 -5.47 -9.53 4.47
C CYS A 113 -6.58 -9.48 3.44
N LYS A 114 -7.78 -9.89 3.82
CA LYS A 114 -8.91 -9.86 2.88
C LYS A 114 -9.27 -8.43 2.44
N ASP A 115 -9.24 -7.50 3.37
CA ASP A 115 -9.51 -6.10 3.09
C ASP A 115 -8.56 -5.64 1.97
N VAL A 116 -7.27 -5.90 2.16
CA VAL A 116 -6.28 -5.46 1.20
C VAL A 116 -6.49 -6.20 -0.12
N CYS A 117 -6.75 -7.51 -0.02
CA CYS A 117 -6.91 -8.29 -1.23
C CYS A 117 -8.10 -7.82 -2.08
N GLU A 118 -9.18 -7.43 -1.42
CA GLU A 118 -10.34 -6.90 -2.15
C GLU A 118 -9.99 -5.63 -2.90
N ALA A 119 -9.26 -4.73 -2.24
CA ALA A 119 -8.83 -3.49 -2.88
C ALA A 119 -7.95 -3.81 -4.06
N MET A 120 -7.05 -4.77 -3.89
CA MET A 120 -6.10 -5.08 -4.94
C MET A 120 -6.77 -5.81 -6.09
N GLU A 121 -7.76 -6.65 -5.80
CA GLU A 121 -8.54 -7.28 -6.86
C GLU A 121 -9.24 -6.21 -7.69
N TYR A 122 -9.78 -5.20 -7.04
CA TYR A 122 -10.40 -4.10 -7.75
C TYR A 122 -9.38 -3.38 -8.62
N LEU A 123 -8.21 -3.06 -8.08
CA LEU A 123 -7.21 -2.38 -8.87
C LEU A 123 -6.80 -3.24 -10.04
N GLU A 124 -6.64 -4.54 -9.82
CA GLU A 124 -6.24 -5.44 -10.88
CA GLU A 124 -6.22 -5.43 -10.89
C GLU A 124 -7.28 -5.45 -11.99
N SER A 125 -8.54 -5.36 -11.62
CA SER A 125 -9.62 -5.35 -12.58
C SER A 125 -9.62 -4.07 -13.41
N LYS A 126 -8.92 -3.04 -12.94
CA LYS A 126 -8.77 -1.79 -13.68
C LYS A 126 -7.38 -1.67 -14.31
N GLN A 127 -6.64 -2.76 -14.31
CA GLN A 127 -5.26 -2.78 -14.78
CA GLN A 127 -5.26 -2.78 -14.78
C GLN A 127 -4.45 -1.63 -14.19
N PHE A 128 -4.61 -1.43 -12.89
CA PHE A 128 -3.94 -0.35 -12.17
C PHE A 128 -3.01 -0.92 -11.10
N LEU A 129 -1.71 -0.70 -11.25
CA LEU A 129 -0.73 -1.21 -10.30
C LEU A 129 -0.61 -0.29 -9.12
N HIS A 130 -0.39 -0.88 -7.95
CA HIS A 130 -0.05 -0.08 -6.80
C HIS A 130 1.39 0.39 -6.90
N ARG A 131 2.30 -0.59 -7.03
CA ARG A 131 3.76 -0.39 -7.20
C ARG A 131 4.55 -0.22 -5.89
N ASP A 132 3.87 0.00 -4.78
CA ASP A 132 4.53 0.08 -3.48
C ASP A 132 3.63 -0.47 -2.38
N LEU A 133 3.07 -1.65 -2.61
CA LEU A 133 2.19 -2.24 -1.64
C LEU A 133 3.02 -2.78 -0.47
N ALA A 134 2.62 -2.39 0.72
CA ALA A 134 3.32 -2.75 1.96
C ALA A 134 2.47 -2.23 3.09
N ALA A 135 2.69 -2.77 4.29
CA ALA A 135 1.88 -2.35 5.43
C ALA A 135 1.98 -0.85 5.71
N ARG A 136 3.14 -0.25 5.41
CA ARG A 136 3.31 1.18 5.64
C ARG A 136 2.41 2.01 4.71
N ASN A 137 1.95 1.40 3.62
CA ASN A 137 1.07 2.09 2.66
C ASN A 137 -0.36 1.55 2.71
N CYS A 138 -0.74 1.04 3.86
CA CYS A 138 -2.13 0.75 4.16
C CYS A 138 -2.51 1.52 5.40
N LEU A 139 -3.80 1.83 5.51
CA LEU A 139 -4.31 2.64 6.60
C LEU A 139 -5.46 1.91 7.25
N VAL A 140 -5.82 2.31 8.47
CA VAL A 140 -6.84 1.62 9.23
C VAL A 140 -7.84 2.64 9.72
N ASN A 141 -9.13 2.39 9.51
CA ASN A 141 -10.13 3.34 9.97
C ASN A 141 -10.57 3.03 11.40
N ASP A 142 -11.47 3.85 11.92
CA ASP A 142 -11.87 3.71 13.32
C ASP A 142 -12.67 2.43 13.62
N GLN A 143 -13.06 1.70 12.58
CA GLN A 143 -13.72 0.40 12.76
C GLN A 143 -12.76 -0.77 12.60
N GLY A 144 -11.50 -0.47 12.34
CA GLY A 144 -10.50 -1.51 12.18
C GLY A 144 -10.41 -2.05 10.76
N VAL A 145 -11.09 -1.39 9.83
CA VAL A 145 -11.03 -1.81 8.43
C VAL A 145 -9.74 -1.28 7.82
N VAL A 146 -9.04 -2.16 7.12
CA VAL A 146 -7.81 -1.77 6.47
C VAL A 146 -8.09 -1.38 5.03
N LYS A 147 -7.45 -0.31 4.57
CA LYS A 147 -7.62 0.14 3.19
C LYS A 147 -6.25 0.44 2.58
N VAL A 148 -6.17 0.25 1.28
CA VAL A 148 -4.93 0.45 0.56
C VAL A 148 -4.82 1.93 0.16
N SER A 149 -3.62 2.47 0.33
CA SER A 149 -3.40 3.90 0.24
C SER A 149 -2.28 4.18 -0.76
N ASP A 150 -2.40 5.33 -1.43
CA ASP A 150 -1.32 5.90 -2.24
C ASP A 150 -0.91 5.00 -3.40
N PHE A 151 -1.88 4.24 -3.90
CA PHE A 151 -1.73 3.40 -5.07
C PHE A 151 -1.36 4.26 -6.30
N GLY A 152 -0.33 3.85 -7.03
CA GLY A 152 0.04 4.52 -8.26
C GLY A 152 0.94 5.75 -8.12
N LEU A 153 1.04 6.31 -6.92
CA LEU A 153 1.72 7.60 -6.76
C LEU A 153 3.23 7.51 -6.94
N SER A 154 3.76 6.28 -6.86
CA SER A 154 5.18 6.07 -7.05
C SER A 154 5.64 6.65 -8.39
N ARG A 155 4.75 6.65 -9.37
CA ARG A 155 5.10 7.12 -10.72
C ARG A 155 5.47 8.58 -10.75
N TYR A 156 5.10 9.32 -9.70
CA TYR A 156 5.28 10.77 -9.70
C TYR A 156 6.32 11.23 -8.69
N VAL A 157 6.99 10.27 -8.04
CA VAL A 157 8.08 10.60 -7.14
C VAL A 157 9.32 11.06 -7.87
N LEU A 158 9.84 12.21 -7.46
CA LEU A 158 11.09 12.73 -7.97
C LEU A 158 12.13 12.62 -6.86
N ASP A 159 12.65 11.41 -6.70
CA ASP A 159 13.68 11.13 -5.71
C ASP A 159 14.34 9.85 -6.16
N ASP A 160 15.57 9.96 -6.68
CA ASP A 160 16.26 8.80 -7.21
C ASP A 160 16.49 7.75 -6.13
N GLU A 161 16.58 8.16 -4.87
CA GLU A 161 16.81 7.18 -3.81
C GLU A 161 15.57 6.28 -3.60
N TYR A 162 14.39 6.78 -3.96
CA TYR A 162 13.16 6.01 -3.92
C TYR A 162 13.00 5.16 -5.19
N THR A 163 13.28 5.76 -6.32
CA THR A 163 12.97 5.13 -7.59
C THR A 163 13.99 4.08 -8.02
N SER A 164 15.27 4.38 -7.83
CA SER A 164 16.31 3.45 -8.24
C SER A 164 16.20 2.15 -7.44
N SER A 165 16.34 1.02 -8.12
CA SER A 165 16.23 -0.28 -7.44
C SER A 165 17.38 -0.52 -6.46
N VAL A 166 18.46 0.24 -6.59
CA VAL A 166 19.55 0.22 -5.61
C VAL A 166 19.55 1.48 -4.72
N GLY A 167 18.43 2.19 -4.72
CA GLY A 167 18.27 3.38 -3.90
C GLY A 167 17.96 3.03 -2.46
N SER A 168 18.24 3.97 -1.57
CA SER A 168 18.06 3.70 -0.14
C SER A 168 16.60 3.53 0.26
N LYS A 169 15.69 4.09 -0.53
CA LYS A 169 14.29 4.12 -0.16
C LYS A 169 13.47 3.16 -1.01
N PHE A 170 14.13 2.44 -1.93
CA PHE A 170 13.43 1.50 -2.80
C PHE A 170 12.93 0.30 -1.98
N PRO A 171 11.70 -0.18 -2.25
CA PRO A 171 11.10 -1.26 -1.45
C PRO A 171 11.66 -2.65 -1.83
N VAL A 172 12.97 -2.82 -1.65
CA VAL A 172 13.63 -4.07 -2.00
C VAL A 172 12.92 -5.26 -1.38
N ARG A 173 12.57 -5.14 -0.10
CA ARG A 173 12.06 -6.30 0.63
C ARG A 173 10.64 -6.70 0.24
N TRP A 174 10.00 -5.90 -0.61
CA TRP A 174 8.67 -6.20 -1.10
C TRP A 174 8.67 -6.54 -2.60
N SER A 175 9.85 -6.72 -3.18
CA SER A 175 9.98 -6.83 -4.63
C SER A 175 10.37 -8.21 -5.11
N PRO A 176 9.79 -8.65 -6.24
CA PRO A 176 10.12 -9.95 -6.79
C PRO A 176 11.43 -9.91 -7.55
N PRO A 177 11.97 -11.08 -7.87
CA PRO A 177 13.26 -11.11 -8.54
C PRO A 177 13.29 -10.33 -9.84
N GLU A 178 12.21 -10.33 -10.60
CA GLU A 178 12.24 -9.67 -11.89
C GLU A 178 12.20 -8.15 -11.79
N VAL A 179 11.69 -7.64 -10.67
CA VAL A 179 11.83 -6.20 -10.38
C VAL A 179 13.26 -5.89 -10.00
N LEU A 180 13.82 -6.68 -9.09
CA LEU A 180 15.19 -6.44 -8.65
C LEU A 180 16.20 -6.57 -9.78
N MET A 181 15.97 -7.52 -10.68
CA MET A 181 16.93 -7.78 -11.72
C MET A 181 16.75 -6.89 -12.95
N TYR A 182 15.49 -6.66 -13.32
CA TYR A 182 15.19 -6.00 -14.58
C TYR A 182 14.22 -4.83 -14.41
N SER A 183 13.85 -4.53 -13.16
CA SER A 183 12.85 -3.50 -12.85
C SER A 183 11.61 -3.72 -13.72
N LYS A 184 11.19 -4.99 -13.82
CA LYS A 184 9.99 -5.40 -14.55
C LYS A 184 8.75 -5.42 -13.64
N PHE A 185 8.00 -4.34 -13.66
CA PHE A 185 6.81 -4.23 -12.82
C PHE A 185 5.60 -4.74 -13.59
N SER A 186 4.69 -5.42 -12.89
CA SER A 186 3.49 -5.97 -13.50
C SER A 186 2.47 -6.27 -12.40
N SER A 187 1.33 -6.83 -12.78
CA SER A 187 0.37 -7.27 -11.79
C SER A 187 1.06 -8.23 -10.83
N LYS A 188 1.99 -9.01 -11.35
CA LYS A 188 2.63 -10.05 -10.56
C LYS A 188 3.67 -9.53 -9.58
N SER A 189 4.15 -8.30 -9.76
CA SER A 189 4.97 -7.69 -8.73
C SER A 189 4.10 -7.15 -7.59
N ASP A 190 2.89 -6.68 -7.88
CA ASP A 190 1.94 -6.36 -6.80
C ASP A 190 1.55 -7.63 -6.05
N ILE A 191 1.41 -8.75 -6.76
CA ILE A 191 1.09 -10.01 -6.08
C ILE A 191 2.20 -10.39 -5.11
N TRP A 192 3.44 -10.32 -5.56
CA TRP A 192 4.57 -10.64 -4.68
C TRP A 192 4.54 -9.75 -3.43
N ALA A 193 4.34 -8.45 -3.65
CA ALA A 193 4.34 -7.51 -2.55
C ALA A 193 3.20 -7.82 -1.59
N PHE A 194 2.05 -8.20 -2.13
CA PHE A 194 0.93 -8.59 -1.28
C PHE A 194 1.27 -9.76 -0.38
N GLY A 195 2.00 -10.74 -0.91
CA GLY A 195 2.42 -11.85 -0.06
C GLY A 195 3.30 -11.37 1.06
N VAL A 196 4.21 -10.45 0.76
CA VAL A 196 5.04 -9.89 1.83
C VAL A 196 4.19 -9.13 2.84
N LEU A 197 3.17 -8.42 2.36
CA LEU A 197 2.24 -7.71 3.23
C LEU A 197 1.50 -8.69 4.13
N MET A 198 1.05 -9.82 3.59
CA MET A 198 0.46 -10.84 4.44
C MET A 198 1.43 -11.26 5.52
N TRP A 199 2.68 -11.46 5.14
CA TRP A 199 3.69 -11.83 6.09
C TRP A 199 3.85 -10.74 7.17
N GLU A 200 3.82 -9.48 6.77
CA GLU A 200 3.93 -8.40 7.74
C GLU A 200 2.77 -8.44 8.73
N ILE A 201 1.56 -8.64 8.21
CA ILE A 201 0.37 -8.70 9.05
C ILE A 201 0.52 -9.83 10.07
N TYR A 202 0.89 -11.02 9.61
CA TYR A 202 0.96 -12.14 10.53
C TYR A 202 2.19 -12.09 11.41
N SER A 203 3.17 -11.26 11.04
CA SER A 203 4.34 -11.03 11.86
C SER A 203 4.21 -9.81 12.77
N LEU A 204 3.03 -9.18 12.76
CA LEU A 204 2.77 -7.98 13.57
C LEU A 204 3.78 -6.88 13.29
N GLY A 205 4.11 -6.75 12.03
CA GLY A 205 4.87 -5.60 11.51
C GLY A 205 6.37 -5.69 11.70
N LYS A 206 6.90 -6.89 11.86
CA LYS A 206 8.33 -7.08 11.80
C LYS A 206 8.77 -6.70 10.41
N MET A 207 10.02 -6.28 10.31
CA MET A 207 10.65 -6.04 9.02
CA MET A 207 10.62 -6.03 9.00
C MET A 207 10.86 -7.37 8.31
N PRO A 208 10.41 -7.48 7.05
CA PRO A 208 10.78 -8.68 6.31
C PRO A 208 12.30 -8.82 6.18
N TYR A 209 12.78 -10.04 6.35
CA TYR A 209 14.22 -10.34 6.29
C TYR A 209 14.97 -9.43 7.26
N GLU A 210 14.52 -9.38 8.52
CA GLU A 210 14.97 -8.36 9.45
C GLU A 210 16.46 -8.45 9.76
N ARG A 211 17.07 -9.61 9.53
CA ARG A 211 18.48 -9.78 9.84
C ARG A 211 19.41 -9.53 8.64
N PHE A 212 18.80 -9.22 7.49
CA PHE A 212 19.54 -8.96 6.27
C PHE A 212 19.50 -7.48 5.93
N THR A 213 20.51 -7.03 5.19
CA THR A 213 20.43 -5.75 4.49
C THR A 213 19.58 -5.90 3.24
N ASN A 214 19.28 -4.78 2.58
CA ASN A 214 18.59 -4.82 1.30
C ASN A 214 19.40 -5.62 0.28
N SER A 215 20.70 -5.37 0.20
CA SER A 215 21.56 -6.06 -0.75
CA SER A 215 21.56 -6.07 -0.76
C SER A 215 21.54 -7.57 -0.52
N GLU A 216 21.60 -7.98 0.74
CA GLU A 216 21.58 -9.40 1.08
C GLU A 216 20.22 -10.01 0.78
N THR A 217 19.17 -9.25 1.00
CA THR A 217 17.83 -9.71 0.67
C THR A 217 17.71 -10.00 -0.81
N ALA A 218 18.20 -9.08 -1.64
CA ALA A 218 18.11 -9.24 -3.08
C ALA A 218 18.81 -10.53 -3.51
N GLU A 219 19.99 -10.76 -2.96
CA GLU A 219 20.75 -11.97 -3.26
C GLU A 219 20.02 -13.24 -2.80
N HIS A 220 19.49 -13.22 -1.58
CA HIS A 220 18.85 -14.41 -1.09
CA HIS A 220 18.72 -14.33 -0.96
C HIS A 220 17.56 -14.72 -1.85
N ILE A 221 16.78 -13.72 -2.25
CA ILE A 221 15.59 -14.04 -3.02
C ILE A 221 15.92 -14.45 -4.46
N ALA A 222 17.02 -13.95 -5.01
CA ALA A 222 17.47 -14.41 -6.33
C ALA A 222 17.93 -15.86 -6.29
N GLN A 223 18.43 -16.31 -5.14
CA GLN A 223 18.86 -17.69 -4.98
C GLN A 223 17.70 -18.62 -4.62
N GLY A 224 16.50 -18.06 -4.54
CA GLY A 224 15.29 -18.85 -4.39
C GLY A 224 14.84 -18.97 -2.95
N LEU A 225 15.51 -18.28 -2.04
CA LEU A 225 15.23 -18.22 -0.60
CA LEU A 225 15.09 -18.38 -0.67
C LEU A 225 14.01 -17.35 -0.36
N ARG A 226 13.25 -17.63 0.69
CA ARG A 226 12.01 -16.92 0.96
C ARG A 226 11.88 -16.60 2.43
N LEU A 227 10.97 -15.69 2.74
CA LEU A 227 10.47 -15.55 4.09
C LEU A 227 9.92 -16.89 4.55
N TYR A 228 9.86 -17.09 5.86
CA TYR A 228 9.25 -18.29 6.38
C TYR A 228 8.09 -17.96 7.32
N ARG A 229 7.45 -19.01 7.81
CA ARG A 229 6.11 -18.91 8.37
C ARG A 229 6.10 -18.10 9.68
N PRO A 230 5.31 -17.03 9.72
CA PRO A 230 5.14 -16.36 10.99
C PRO A 230 4.43 -17.25 12.01
N HIS A 231 4.76 -17.06 13.27
CA HIS A 231 4.21 -17.86 14.34
C HIS A 231 2.67 -17.88 14.35
N LEU A 232 2.06 -16.75 14.03
CA LEU A 232 0.61 -16.63 14.09
C LEU A 232 -0.11 -17.11 12.83
N ALA A 233 0.66 -17.50 11.82
CA ALA A 233 0.06 -17.98 10.58
C ALA A 233 -0.14 -19.48 10.61
N SER A 234 -1.33 -19.93 10.26
CA SER A 234 -1.57 -21.34 10.07
C SER A 234 -0.89 -21.82 8.81
N GLU A 235 -0.78 -23.14 8.65
CA GLU A 235 -0.20 -23.68 7.45
C GLU A 235 -0.97 -23.24 6.22
N LYS A 236 -2.29 -23.18 6.31
CA LYS A 236 -3.11 -22.75 5.17
C LYS A 236 -2.85 -21.28 4.82
N VAL A 237 -2.70 -20.43 5.83
CA VAL A 237 -2.41 -19.02 5.59
C VAL A 237 -1.03 -18.87 4.96
N TYR A 238 -0.06 -19.60 5.50
CA TYR A 238 1.30 -19.54 4.98
C TYR A 238 1.33 -19.98 3.51
N THR A 239 0.60 -21.03 3.20
CA THR A 239 0.52 -21.49 1.82
C THR A 239 0.04 -20.38 0.89
N ILE A 240 -0.93 -19.58 1.33
CA ILE A 240 -1.40 -18.46 0.51
C ILE A 240 -0.30 -17.43 0.30
N MET A 241 0.33 -16.96 1.37
CA MET A 241 1.35 -15.94 1.18
C MET A 241 2.51 -16.49 0.37
N TYR A 242 2.87 -17.75 0.59
CA TYR A 242 4.00 -18.36 -0.11
C TYR A 242 3.72 -18.47 -1.61
N SER A 243 2.45 -18.65 -1.96
CA SER A 243 2.07 -18.78 -3.38
C SER A 243 2.36 -17.49 -4.15
N CYS A 244 2.46 -16.38 -3.42
CA CYS A 244 2.76 -15.08 -4.04
C CYS A 244 4.22 -14.94 -4.45
N TRP A 245 5.06 -15.89 -4.04
CA TRP A 245 6.50 -15.72 -4.19
C TRP A 245 7.11 -16.71 -5.16
N HIS A 246 6.31 -17.25 -6.07
CA HIS A 246 6.86 -18.12 -7.11
CA HIS A 246 6.88 -18.12 -7.08
C HIS A 246 7.93 -17.34 -7.87
N GLU A 247 9.05 -17.98 -8.15
CA GLU A 247 10.10 -17.33 -8.91
CA GLU A 247 10.13 -17.41 -8.94
C GLU A 247 9.58 -16.89 -10.27
N LYS A 248 8.74 -17.69 -10.91
CA LYS A 248 8.19 -17.31 -12.20
CA LYS A 248 8.17 -17.31 -12.20
C LYS A 248 6.90 -16.51 -12.00
N ALA A 249 6.91 -15.27 -12.47
CA ALA A 249 5.80 -14.35 -12.28
C ALA A 249 4.48 -14.97 -12.75
N ASP A 250 4.52 -15.70 -13.85
CA ASP A 250 3.28 -16.21 -14.44
C ASP A 250 2.68 -17.38 -13.65
N GLU A 251 3.42 -17.89 -12.67
CA GLU A 251 2.92 -18.96 -11.83
CA GLU A 251 2.91 -18.97 -11.83
C GLU A 251 2.32 -18.40 -10.54
N ARG A 252 2.40 -17.09 -10.36
CA ARG A 252 1.80 -16.47 -9.19
C ARG A 252 0.30 -16.29 -9.42
N PRO A 253 -0.50 -16.40 -8.36
CA PRO A 253 -1.93 -16.21 -8.52
C PRO A 253 -2.31 -14.78 -8.92
N THR A 254 -3.56 -14.62 -9.35
CA THR A 254 -4.17 -13.30 -9.46
C THR A 254 -4.76 -12.91 -8.10
N PHE A 255 -5.15 -11.65 -7.95
CA PHE A 255 -5.81 -11.23 -6.72
C PHE A 255 -7.20 -11.86 -6.58
N LYS A 256 -7.86 -12.16 -7.69
CA LYS A 256 -9.13 -12.87 -7.61
C LYS A 256 -8.94 -14.24 -7.00
N ILE A 257 -7.92 -14.96 -7.45
CA ILE A 257 -7.63 -16.29 -6.92
C ILE A 257 -7.21 -16.18 -5.44
N LEU A 258 -6.38 -15.20 -5.11
CA LEU A 258 -6.00 -15.01 -3.72
C LEU A 258 -7.22 -14.75 -2.86
N LEU A 259 -8.15 -13.95 -3.36
CA LEU A 259 -9.33 -13.61 -2.57
C LEU A 259 -10.15 -14.87 -2.29
N SER A 260 -10.30 -15.69 -3.31
CA SER A 260 -11.01 -16.95 -3.16
C SER A 260 -10.31 -17.85 -2.13
N ASN A 261 -9.00 -17.89 -2.17
CA ASN A 261 -8.23 -18.71 -1.24
C ASN A 261 -8.37 -18.19 0.19
N ILE A 262 -8.34 -16.87 0.36
CA ILE A 262 -8.49 -16.27 1.67
C ILE A 262 -9.89 -16.54 2.22
N LEU A 263 -10.91 -16.41 1.38
CA LEU A 263 -12.27 -16.69 1.83
C LEU A 263 -12.41 -18.16 2.22
N ASP A 264 -11.80 -19.05 1.47
CA ASP A 264 -11.84 -20.48 1.81
C ASP A 264 -11.21 -20.73 3.18
N VAL A 265 -10.06 -20.12 3.44
CA VAL A 265 -9.41 -20.33 4.72
C VAL A 265 -10.21 -19.73 5.86
N MET A 266 -10.81 -18.56 5.63
CA MET A 266 -11.74 -18.05 6.63
C MET A 266 -12.85 -19.02 6.97
N ASP A 267 -13.41 -19.66 5.95
CA ASP A 267 -14.46 -20.65 6.19
C ASP A 267 -13.93 -21.88 6.94
N GLU A 268 -12.67 -22.21 6.71
CA GLU A 268 -12.08 -23.40 7.33
C GLU A 268 -11.53 -23.15 8.72
N GLU A 269 -11.23 -21.88 9.03
CA GLU A 269 -10.57 -21.50 10.28
C GLU A 269 -11.42 -20.66 11.22
N SER A 270 -12.64 -20.35 10.81
CA SER A 270 -13.54 -19.51 11.61
C SER A 270 -13.49 -19.88 13.09
S DMS B . 7.27 -4.17 -5.75
O DMS B . 5.93 -4.15 -6.38
C1 DMS B . 8.27 -2.98 -6.47
C2 DMS B . 7.13 -3.51 -4.19
S DMS C . -6.85 25.99 11.29
O DMS C . -6.75 27.47 11.43
C1 DMS C . -8.10 25.46 12.32
C2 DMS C . -7.41 25.67 9.72
C1 X9Y D . -1.43 9.51 5.62
C2 X9Y D . -0.41 10.04 6.39
C3 X9Y D . -1.11 8.89 4.42
N6 X9Y D . 2.78 8.90 2.86
C7 X9Y D . -5.22 9.38 5.80
C8 X9Y D . -3.11 9.24 7.49
C9 X9Y D . -4.43 9.13 7.89
C10 X9Y D . -3.10 8.96 9.61
C11 X9Y D . -2.66 8.74 10.97
C12 X9Y D . -1.37 8.27 11.33
C13 X9Y D . -3.38 8.83 12.15
C14 X9Y D . -2.81 8.35 14.58
C15 X9Y D . -0.20 7.98 10.46
C16 X9Y D . 0.91 10.04 5.96
C19 X9Y D . 1.98 10.65 6.83
C20 X9Y D . 3.54 8.53 5.16
C21 X9Y D . 2.95 9.63 7.39
C22 X9Y D . 4.04 9.25 6.40
C24 X9Y D . 2.77 8.97 0.48
C27 X9Y D . 3.81 5.28 -1.34
C30 X9Y D . -1.59 8.71 15.38
C31 X9Y D . -3.32 6.97 14.88
C32 X9Y D . -4.78 9.26 12.41
C4 X9Y D . 0.20 8.88 3.96
C5 X9Y D . -2.83 9.46 6.14
C6 X9Y D . -3.92 9.51 5.29
N1 X9Y D . -5.50 9.18 7.10
N2 X9Y D . -4.42 8.93 9.24
N3 X9Y D . -2.28 9.13 8.59
N4 X9Y D . -1.31 8.11 12.65
N5 X9Y D . -2.54 8.48 13.15
C17 X9Y D . 1.23 9.44 4.72
C18 X9Y D . 2.67 9.40 4.23
C23 X9Y D . 2.48 9.63 1.78
O1 X9Y D . 1.99 10.75 1.82
N7 X9Y D . 3.57 7.96 0.23
C25 X9Y D . 3.50 7.73 -1.12
N8 X9Y D . 2.67 8.55 -1.67
O2 X9Y D . 2.16 9.39 -0.65
C26 X9Y D . 4.27 6.65 -1.84
C28 X9Y D . 5.77 6.82 -1.57
C29 X9Y D . 4.02 6.75 -3.35
#